data_8Y8M
#
_entry.id   8Y8M
#
_cell.length_a   151.020
_cell.length_b   151.020
_cell.length_c   110.745
_cell.angle_alpha   90.00
_cell.angle_beta   90.00
_cell.angle_gamma   120.00
#
_symmetry.space_group_name_H-M   'P 64 2 2'
#
loop_
_entity.id
_entity.type
_entity.pdbx_description
1 polymer 'Thiamine pyrophosphate-binding protein'
2 non-polymer DI(HYDROXYETHYL)ETHER
3 non-polymer '2-(N-MORPHOLINO)-ETHANESULFONIC ACID'
4 non-polymer 'THIAMINE DIPHOSPHATE'
5 non-polymer 'MAGNESIUM ION'
6 water water
#
_entity_poly.entity_id   1
_entity_poly.type   'polypeptide(L)'
_entity_poly.pdbx_seq_one_letter_code
;MTATGGELVIRTLERASVDVAFGINGIHIDSIYQAALDRSFRIVDTRNEMNAGHAAEGYARAGHRLGVALLTAGGGFTNA
VTSIANAHLDRTPVLYIAASGPLGVDETNTLQAGIDQVAIATPITKWAHRVTRVELLPRLIAQAIRIATHGPRGPVLLDI
PWDVLTATVDDALADGVEELGAHALTAALGADAVERILDGLAGAERPVFIAGSELTRGDGGAALRRLAEITGTPLFSDTE
ALGAIRESPLSFGLLQGLFGLDEAERPDRVVLFGLRFGLATAHGSGILIPRDAAVVQIDSDARELGRLQPIELGAVGDPA
AAAEELARAALTWAAGWPDRSRWQERLRELVDGRFESVTAQAVRDDRIHPMDAVTAIAETVPAGSVVVADGALTYLWLSE
TISRAPVADYLCHGYLSSMGVGVGTALGAQAADVTRPVVLVTGDGAVGYSLGEFDSMVRAGLPVVVVVLNNRAWGATLHA
QELILGPDRVVNNRLENGSYSGVARALGADSIDVSDIADLAPTLREALASGRPTCIEVHVSLAPVPPEENVIMGGKPF
;
_entity_poly.pdbx_strand_id   A
#
# COMPACT_ATOMS: atom_id res chain seq x y z
N THR A 2 39.25 3.56 -7.67
CA THR A 2 38.70 2.40 -8.37
C THR A 2 37.44 1.85 -7.69
N ALA A 3 36.33 1.89 -8.42
CA ALA A 3 35.04 1.43 -7.93
C ALA A 3 34.34 0.71 -9.08
N THR A 4 33.68 -0.42 -8.77
CA THR A 4 32.84 -1.11 -9.74
C THR A 4 31.45 -0.45 -9.89
N GLY A 5 30.75 -0.81 -10.97
CA GLY A 5 29.35 -0.38 -11.10
C GLY A 5 28.53 -0.76 -9.87
N GLY A 6 28.69 -1.99 -9.37
CA GLY A 6 27.90 -2.41 -8.23
C GLY A 6 28.19 -1.59 -6.99
N GLU A 7 29.46 -1.23 -6.78
CA GLU A 7 29.84 -0.30 -5.70
C GLU A 7 29.15 1.05 -5.89
N LEU A 8 29.11 1.54 -7.15
CA LEU A 8 28.45 2.79 -7.44
C LEU A 8 26.98 2.73 -7.10
N VAL A 9 26.33 1.57 -7.35
CA VAL A 9 24.92 1.42 -6.96
C VAL A 9 24.76 1.54 -5.44
N ILE A 10 25.59 0.79 -4.68
CA ILE A 10 25.37 0.76 -3.22
C ILE A 10 25.67 2.12 -2.62
N ARG A 11 26.73 2.78 -3.10
CA ARG A 11 27.10 4.09 -2.60
C ARG A 11 25.99 5.10 -2.85
N THR A 12 25.45 5.14 -4.08
CA THR A 12 24.35 6.07 -4.34
C THR A 12 23.13 5.76 -3.49
N LEU A 13 22.84 4.47 -3.24
CA LEU A 13 21.71 4.11 -2.40
C LEU A 13 21.94 4.53 -0.95
N GLU A 14 23.15 4.31 -0.41
CA GLU A 14 23.45 4.84 0.93
C GLU A 14 23.21 6.34 1.00
N ARG A 15 23.59 7.08 -0.04
CA ARG A 15 23.42 8.53 0.00
C ARG A 15 21.95 8.92 -0.05
N ALA A 16 21.08 8.05 -0.56
CA ALA A 16 19.64 8.29 -0.55
C ALA A 16 18.99 7.80 0.74
N SER A 17 19.79 7.39 1.73
CA SER A 17 19.30 6.89 3.02
C SER A 17 18.51 5.60 2.89
N VAL A 18 18.79 4.81 1.85
CA VAL A 18 18.23 3.46 1.88
C VAL A 18 19.21 2.52 2.56
N ASP A 19 18.68 1.64 3.38
CA ASP A 19 19.55 0.74 4.12
C ASP A 19 19.09 -0.71 4.01
N VAL A 20 18.03 -0.99 3.24
CA VAL A 20 17.59 -2.36 2.96
C VAL A 20 17.11 -2.41 1.52
N ALA A 21 17.40 -3.52 0.84
CA ALA A 21 16.90 -3.83 -0.48
C ALA A 21 16.49 -5.29 -0.44
N PHE A 22 15.64 -5.69 -1.37
CA PHE A 22 15.08 -7.03 -1.44
C PHE A 22 15.42 -7.61 -2.81
N GLY A 23 15.82 -8.88 -2.83
CA GLY A 23 16.19 -9.52 -4.08
C GLY A 23 16.51 -10.97 -3.89
N ILE A 24 16.81 -11.62 -5.03
CA ILE A 24 17.40 -12.96 -5.10
C ILE A 24 18.70 -12.82 -5.90
N ASN A 25 19.79 -13.31 -5.33
CA ASN A 25 21.10 -13.19 -5.93
C ASN A 25 21.13 -13.88 -7.29
N GLY A 26 22.04 -13.44 -8.15
CA GLY A 26 22.30 -14.07 -9.43
C GLY A 26 23.65 -13.59 -9.91
N ILE A 27 24.24 -14.33 -10.84
CA ILE A 27 25.60 -13.91 -11.26
C ILE A 27 25.55 -12.54 -11.97
N HIS A 28 24.47 -12.22 -12.68
CA HIS A 28 24.46 -10.94 -13.41
C HIS A 28 24.50 -9.74 -12.48
N ILE A 29 23.90 -9.86 -11.30
CA ILE A 29 23.72 -8.78 -10.33
C ILE A 29 24.66 -8.91 -9.15
N ASP A 30 25.59 -9.86 -9.15
CA ASP A 30 26.37 -10.11 -7.94
C ASP A 30 27.32 -8.99 -7.55
N SER A 31 27.74 -8.11 -8.47
CA SER A 31 28.67 -7.06 -8.03
C SER A 31 27.96 -6.12 -7.06
N ILE A 32 26.64 -5.99 -7.16
CA ILE A 32 25.91 -5.24 -6.13
C ILE A 32 25.93 -5.99 -4.81
N TYR A 33 25.77 -7.32 -4.86
CA TYR A 33 25.76 -8.09 -3.60
C TYR A 33 27.13 -8.06 -2.94
N GLN A 34 28.18 -8.12 -3.74
CA GLN A 34 29.54 -8.03 -3.19
C GLN A 34 29.81 -6.66 -2.56
N ALA A 35 29.48 -5.59 -3.28
CA ALA A 35 29.61 -4.25 -2.71
C ALA A 35 28.83 -4.12 -1.42
N ALA A 36 27.61 -4.68 -1.39
CA ALA A 36 26.78 -4.56 -0.20
C ALA A 36 27.42 -5.28 0.98
N LEU A 37 28.08 -6.40 0.71
CA LEU A 37 28.75 -7.12 1.79
C LEU A 37 29.89 -6.28 2.37
N ASP A 38 30.70 -5.66 1.50
CA ASP A 38 31.78 -4.77 1.94
C ASP A 38 31.32 -3.55 2.74
N ARG A 39 30.12 -3.06 2.51
CA ARG A 39 29.62 -1.84 3.14
C ARG A 39 28.57 -2.13 4.19
N SER A 40 28.38 -3.40 4.53
CA SER A 40 27.34 -3.82 5.46
C SER A 40 25.97 -3.22 5.09
N PHE A 41 25.63 -3.35 3.82
CA PHE A 41 24.31 -2.96 3.35
C PHE A 41 23.43 -4.19 3.34
N ARG A 42 22.25 -4.10 3.93
CA ARG A 42 21.41 -5.27 4.18
C ARG A 42 20.59 -5.59 2.93
N ILE A 43 20.72 -6.79 2.40
CA ILE A 43 19.80 -7.27 1.35
C ILE A 43 19.02 -8.43 1.92
N VAL A 44 17.69 -8.33 1.88
CA VAL A 44 16.84 -9.42 2.32
C VAL A 44 16.46 -10.24 1.09
N ASP A 45 16.79 -11.53 1.08
CA ASP A 45 16.42 -12.52 0.05
C ASP A 45 15.00 -13.02 0.21
N THR A 46 14.38 -13.35 -0.90
CA THR A 46 13.02 -13.88 -0.86
C THR A 46 12.99 -15.23 -1.63
N ARG A 47 11.81 -15.83 -1.79
CA ARG A 47 11.67 -17.09 -2.50
C ARG A 47 11.09 -16.91 -3.91
N ASN A 48 10.75 -15.67 -4.31
CA ASN A 48 10.19 -15.30 -5.59
C ASN A 48 10.44 -13.81 -5.78
N GLU A 49 11.01 -13.43 -6.94
CA GLU A 49 11.29 -12.01 -7.17
C GLU A 49 9.99 -11.24 -7.12
N MET A 50 8.88 -11.94 -7.34
CA MET A 50 7.59 -11.27 -7.23
C MET A 50 7.44 -10.66 -5.86
N ASN A 51 7.91 -11.37 -4.83
CA ASN A 51 7.79 -10.90 -3.47
C ASN A 51 8.95 -10.05 -3.04
N ALA A 52 10.11 -10.15 -3.70
CA ALA A 52 11.11 -9.10 -3.56
C ALA A 52 10.55 -7.75 -3.98
N GLY A 53 9.78 -7.72 -5.07
CA GLY A 53 9.12 -6.48 -5.47
C GLY A 53 8.03 -6.06 -4.49
N HIS A 54 7.14 -6.99 -4.12
CA HIS A 54 6.09 -6.68 -3.14
C HIS A 54 6.69 -6.26 -1.79
N ALA A 55 7.80 -6.90 -1.38
CA ALA A 55 8.49 -6.47 -0.16
C ALA A 55 9.00 -5.02 -0.29
N ALA A 56 9.65 -4.68 -1.43
CA ALA A 56 10.04 -3.28 -1.68
C ALA A 56 8.84 -2.36 -1.55
N GLU A 57 7.67 -2.72 -2.11
CA GLU A 57 6.47 -1.91 -1.93
C GLU A 57 6.04 -1.78 -0.48
N GLY A 58 5.96 -2.90 0.26
CA GLY A 58 5.47 -2.83 1.63
C GLY A 58 6.43 -2.04 2.51
N TYR A 59 7.73 -2.20 2.25
CA TYR A 59 8.72 -1.41 2.95
C TYR A 59 8.51 0.08 2.72
N ALA A 60 8.18 0.45 1.46
CA ALA A 60 7.99 1.85 1.09
C ALA A 60 6.70 2.37 1.69
N ARG A 61 5.64 1.54 1.63
CA ARG A 61 4.34 1.98 2.11
C ARG A 61 4.30 2.12 3.62
N ALA A 62 4.89 1.16 4.35
CA ALA A 62 4.87 1.24 5.82
C ALA A 62 5.98 2.12 6.34
N GLY A 63 7.10 2.17 5.64
CA GLY A 63 8.23 2.98 6.07
C GLY A 63 8.17 4.45 5.69
N HIS A 64 7.19 4.84 4.86
CA HIS A 64 7.10 6.20 4.26
C HIS A 64 8.43 6.65 3.65
N ARG A 65 8.95 5.82 2.74
CA ARG A 65 10.28 6.00 2.18
C ARG A 65 10.35 5.30 0.82
N LEU A 66 11.48 5.42 0.15
CA LEU A 66 11.73 4.68 -1.07
C LEU A 66 12.01 3.20 -0.77
N GLY A 67 11.33 2.28 -1.50
CA GLY A 67 11.73 0.87 -1.51
C GLY A 67 12.64 0.53 -2.67
N VAL A 68 13.51 -0.49 -2.47
CA VAL A 68 14.44 -0.89 -3.53
C VAL A 68 14.38 -2.41 -3.73
N ALA A 69 14.19 -2.83 -4.99
CA ALA A 69 14.17 -4.26 -5.34
C ALA A 69 15.34 -4.49 -6.28
N LEU A 70 16.07 -5.57 -6.06
CA LEU A 70 17.21 -5.93 -6.89
C LEU A 70 16.84 -7.18 -7.68
N LEU A 71 16.88 -7.10 -9.01
CA LEU A 71 16.43 -8.21 -9.84
C LEU A 71 17.55 -8.66 -10.75
N THR A 72 17.83 -9.97 -10.79
CA THR A 72 18.78 -10.44 -11.76
C THR A 72 18.14 -10.49 -13.16
N ALA A 73 18.98 -10.78 -14.16
CA ALA A 73 18.56 -10.69 -15.55
C ALA A 73 17.49 -11.74 -15.88
N GLY A 74 16.62 -11.41 -16.84
CA GLY A 74 15.70 -12.39 -17.41
C GLY A 74 14.49 -12.65 -16.56
N GLY A 75 14.43 -13.87 -15.99
CA GLY A 75 13.30 -14.26 -15.17
C GLY A 75 13.27 -13.56 -13.82
N GLY A 76 14.44 -13.10 -13.32
CA GLY A 76 14.42 -12.31 -12.11
C GLY A 76 13.69 -11.00 -12.31
N PHE A 77 13.74 -10.45 -13.53
CA PHE A 77 12.99 -9.25 -13.89
C PHE A 77 11.51 -9.56 -14.15
N THR A 78 11.21 -10.53 -15.02
CA THR A 78 9.80 -10.75 -15.36
C THR A 78 8.97 -11.20 -14.17
N ASN A 79 9.53 -11.96 -13.21
CA ASN A 79 8.79 -12.32 -11.98
C ASN A 79 8.37 -11.12 -11.14
N ALA A 80 9.00 -9.96 -11.33
CA ALA A 80 8.63 -8.75 -10.59
C ALA A 80 7.54 -7.91 -11.26
N VAL A 81 7.04 -8.30 -12.45
CA VAL A 81 6.22 -7.37 -13.21
C VAL A 81 4.89 -7.12 -12.53
N THR A 82 4.37 -8.08 -11.77
CA THR A 82 3.12 -7.83 -11.03
C THR A 82 3.33 -6.77 -9.97
N SER A 83 4.51 -6.78 -9.33
CA SER A 83 4.82 -5.81 -8.29
C SER A 83 4.98 -4.41 -8.91
N ILE A 84 5.67 -4.30 -10.07
CA ILE A 84 5.79 -3.00 -10.76
C ILE A 84 4.41 -2.45 -11.13
N ALA A 85 3.56 -3.29 -11.70
CA ALA A 85 2.23 -2.83 -12.04
C ALA A 85 1.47 -2.38 -10.80
N ASN A 86 1.59 -3.15 -9.69
CA ASN A 86 0.87 -2.79 -8.48
C ASN A 86 1.38 -1.46 -7.93
N ALA A 87 2.70 -1.25 -7.94
CA ALA A 87 3.28 0.00 -7.47
C ALA A 87 2.86 1.17 -8.38
N HIS A 88 2.70 0.88 -9.67
CA HIS A 88 2.29 1.89 -10.63
C HIS A 88 0.89 2.37 -10.32
N LEU A 89 -0.07 1.44 -10.13
CA LEU A 89 -1.46 1.87 -9.88
C LEU A 89 -1.62 2.43 -8.46
N ASP A 90 -0.83 1.93 -7.52
CA ASP A 90 -0.88 2.41 -6.14
C ASP A 90 -0.09 3.69 -5.93
N ARG A 91 0.68 4.15 -6.90
CA ARG A 91 1.54 5.32 -6.71
C ARG A 91 2.52 5.12 -5.54
N THR A 92 3.31 4.03 -5.66
CA THR A 92 4.22 3.66 -4.62
C THR A 92 5.65 3.91 -5.09
N PRO A 93 6.51 4.64 -4.34
CA PRO A 93 7.87 4.94 -4.84
C PRO A 93 8.77 3.72 -4.66
N VAL A 94 9.01 2.98 -5.73
CA VAL A 94 9.90 1.84 -5.69
C VAL A 94 10.88 1.97 -6.85
N LEU A 95 12.15 1.80 -6.57
CA LEU A 95 13.18 1.70 -7.59
C LEU A 95 13.50 0.23 -7.82
N TYR A 96 13.25 -0.26 -9.04
CA TYR A 96 13.61 -1.63 -9.44
C TYR A 96 14.92 -1.58 -10.20
N ILE A 97 15.96 -2.17 -9.66
CA ILE A 97 17.22 -2.24 -10.39
C ILE A 97 17.32 -3.63 -10.98
N ALA A 98 17.27 -3.76 -12.31
CA ALA A 98 17.30 -5.06 -12.95
C ALA A 98 18.59 -5.24 -13.74
N ALA A 99 19.29 -6.33 -13.53
CA ALA A 99 20.44 -6.57 -14.38
C ALA A 99 19.99 -7.14 -15.71
N SER A 100 20.87 -7.00 -16.73
CA SER A 100 20.57 -7.37 -18.07
C SER A 100 21.76 -8.21 -18.61
N GLY A 101 21.58 -8.83 -19.78
CA GLY A 101 22.69 -9.43 -20.51
C GLY A 101 23.81 -8.46 -20.87
N PRO A 102 25.05 -8.97 -21.01
CA PRO A 102 26.19 -8.09 -21.30
C PRO A 102 26.03 -7.46 -22.69
N LEU A 103 26.36 -6.17 -22.79
CA LEU A 103 26.25 -5.55 -24.11
C LEU A 103 27.24 -6.18 -25.08
N GLY A 104 28.40 -6.62 -24.58
CA GLY A 104 29.41 -7.20 -25.47
C GLY A 104 28.96 -8.51 -26.15
N VAL A 105 27.92 -9.15 -25.63
CA VAL A 105 27.41 -10.31 -26.35
C VAL A 105 25.94 -10.12 -26.71
N ASP A 106 25.58 -8.88 -27.05
CA ASP A 106 24.21 -8.57 -27.44
C ASP A 106 23.80 -9.46 -28.62
N GLU A 107 22.55 -9.95 -28.61
CA GLU A 107 21.99 -10.77 -29.69
C GLU A 107 22.78 -12.05 -29.95
N THR A 108 23.26 -12.72 -28.89
CA THR A 108 23.90 -14.01 -29.11
C THR A 108 23.07 -15.19 -28.57
N ASN A 109 21.77 -15.00 -28.34
CA ASN A 109 20.91 -16.06 -27.81
C ASN A 109 21.49 -16.67 -26.51
N THR A 110 21.94 -15.80 -25.62
CA THR A 110 22.68 -16.21 -24.44
C THR A 110 21.83 -16.21 -23.17
N LEU A 111 22.49 -16.51 -22.07
CA LEU A 111 21.80 -16.79 -20.84
C LEU A 111 21.04 -15.59 -20.29
N GLN A 112 19.74 -15.80 -20.03
CA GLN A 112 18.90 -14.83 -19.32
C GLN A 112 18.82 -13.48 -20.05
N ALA A 113 19.13 -13.46 -21.35
CA ALA A 113 19.27 -12.25 -22.14
C ALA A 113 18.26 -12.29 -23.28
N GLY A 114 18.19 -11.22 -24.05
CA GLY A 114 17.43 -11.28 -25.29
C GLY A 114 15.98 -10.88 -25.16
N ILE A 115 15.64 -10.29 -24.02
CA ILE A 115 14.36 -9.73 -23.67
C ILE A 115 14.54 -8.23 -23.43
N ASP A 116 13.64 -7.41 -23.98
CA ASP A 116 13.76 -5.96 -23.75
C ASP A 116 13.02 -5.63 -22.44
N GLN A 117 13.73 -5.73 -21.31
CA GLN A 117 13.09 -5.48 -19.99
C GLN A 117 12.57 -4.03 -19.91
N VAL A 118 13.28 -3.09 -20.54
CA VAL A 118 12.80 -1.70 -20.56
C VAL A 118 11.45 -1.61 -21.23
N ALA A 119 11.33 -2.23 -22.41
CA ALA A 119 10.06 -2.15 -23.13
C ALA A 119 8.91 -2.81 -22.35
N ILE A 120 9.17 -3.97 -21.70
CA ILE A 120 8.13 -4.59 -20.86
C ILE A 120 7.67 -3.63 -19.76
N ALA A 121 8.61 -2.95 -19.09
CA ALA A 121 8.22 -2.12 -17.95
C ALA A 121 7.71 -0.72 -18.32
N THR A 122 8.01 -0.23 -19.53
CA THR A 122 7.63 1.15 -19.87
C THR A 122 6.16 1.46 -19.60
N PRO A 123 5.20 0.56 -19.84
CA PRO A 123 3.80 0.95 -19.64
C PRO A 123 3.37 0.95 -18.21
N ILE A 124 4.24 0.56 -17.30
CA ILE A 124 3.85 0.50 -15.90
C ILE A 124 4.92 1.12 -15.01
N THR A 125 5.65 2.12 -15.52
CA THR A 125 6.59 2.86 -14.70
C THR A 125 6.53 4.33 -15.03
N LYS A 126 7.03 5.15 -14.09
CA LYS A 126 7.21 6.55 -14.41
C LYS A 126 8.36 6.75 -15.41
N TRP A 127 9.38 5.91 -15.35
CA TRP A 127 10.56 5.98 -16.20
C TRP A 127 11.18 4.57 -16.22
N ALA A 128 11.63 4.13 -17.38
CA ALA A 128 12.35 2.85 -17.48
C ALA A 128 13.47 3.08 -18.48
N HIS A 129 14.70 2.75 -18.12
CA HIS A 129 15.85 3.18 -18.91
C HIS A 129 16.99 2.20 -18.70
N ARG A 130 17.79 1.96 -19.74
CA ARG A 130 18.96 1.09 -19.67
C ARG A 130 20.23 1.94 -19.59
N VAL A 131 21.08 1.65 -18.60
CA VAL A 131 22.38 2.31 -18.43
C VAL A 131 23.40 1.60 -19.29
N THR A 132 23.94 2.31 -20.28
CA THR A 132 24.87 1.64 -21.18
C THR A 132 26.34 1.95 -20.91
N ARG A 133 26.67 2.85 -19.97
CA ARG A 133 28.06 3.06 -19.60
C ARG A 133 28.14 3.20 -18.09
N VAL A 134 29.25 2.74 -17.54
CA VAL A 134 29.31 2.62 -16.07
C VAL A 134 29.41 4.00 -15.45
N GLU A 135 30.02 4.98 -16.15
CA GLU A 135 30.24 6.29 -15.52
C GLU A 135 28.93 7.04 -15.33
N LEU A 136 27.85 6.62 -16.00
CA LEU A 136 26.57 7.28 -15.85
C LEU A 136 25.81 6.85 -14.63
N LEU A 137 26.25 5.77 -13.98
CA LEU A 137 25.37 5.09 -13.04
C LEU A 137 24.91 6.02 -11.91
N PRO A 138 25.80 6.72 -11.18
CA PRO A 138 25.32 7.62 -10.12
C PRO A 138 24.33 8.66 -10.60
N ARG A 139 24.68 9.36 -11.69
CA ARG A 139 23.78 10.37 -12.23
C ARG A 139 22.41 9.77 -12.61
N LEU A 140 22.39 8.61 -13.27
CA LEU A 140 21.11 8.01 -13.72
C LEU A 140 20.29 7.44 -12.55
N ILE A 141 20.96 6.85 -11.55
CA ILE A 141 20.27 6.38 -10.35
C ILE A 141 19.59 7.54 -9.61
N ALA A 142 20.33 8.64 -9.42
CA ALA A 142 19.77 9.86 -8.84
C ALA A 142 18.54 10.34 -9.60
N GLN A 143 18.64 10.40 -10.91
CA GLN A 143 17.48 10.84 -11.68
C GLN A 143 16.30 9.90 -11.40
N ALA A 144 16.55 8.59 -11.39
CA ALA A 144 15.46 7.63 -11.13
C ALA A 144 14.85 7.86 -9.75
N ILE A 145 15.70 8.12 -8.75
CA ILE A 145 15.20 8.32 -7.40
C ILE A 145 14.35 9.58 -7.32
N ARG A 146 14.77 10.67 -8.04
CA ARG A 146 13.99 11.90 -8.02
C ARG A 146 12.61 11.67 -8.62
N ILE A 147 12.53 10.90 -9.71
CA ILE A 147 11.24 10.67 -10.36
C ILE A 147 10.31 9.84 -9.46
N ALA A 148 10.83 8.77 -8.86
CA ALA A 148 9.96 7.86 -8.09
C ALA A 148 9.43 8.55 -6.84
N THR A 149 10.20 9.46 -6.24
CA THR A 149 9.81 9.96 -4.92
C THR A 149 9.04 11.28 -4.99
N HIS A 150 8.74 11.79 -6.19
CA HIS A 150 7.91 12.99 -6.31
C HIS A 150 6.57 12.68 -6.94
N GLY A 151 5.58 13.49 -6.62
CA GLY A 151 4.21 13.21 -6.97
C GLY A 151 3.88 13.38 -8.46
N PRO A 152 2.98 12.51 -8.99
CA PRO A 152 2.45 11.28 -8.32
C PRO A 152 3.56 10.26 -8.14
N ARG A 153 3.85 9.77 -6.93
CA ARG A 153 4.93 8.80 -6.75
C ARG A 153 4.72 7.58 -7.64
N GLY A 154 5.78 6.79 -7.88
CA GLY A 154 5.54 5.62 -8.67
C GLY A 154 6.84 4.90 -8.91
N PRO A 155 6.75 3.75 -9.59
CA PRO A 155 7.91 2.88 -9.76
C PRO A 155 8.79 3.32 -10.94
N VAL A 156 10.08 3.03 -10.81
CA VAL A 156 11.07 3.34 -11.84
C VAL A 156 11.89 2.07 -12.05
N LEU A 157 12.22 1.74 -13.30
CA LEU A 157 13.09 0.60 -13.60
C LEU A 157 14.41 1.09 -14.23
N LEU A 158 15.53 0.71 -13.64
CA LEU A 158 16.85 0.97 -14.22
C LEU A 158 17.42 -0.38 -14.62
N ASP A 159 17.71 -0.55 -15.88
CA ASP A 159 18.15 -1.84 -16.38
C ASP A 159 19.65 -1.69 -16.55
N ILE A 160 20.44 -2.56 -15.92
CA ILE A 160 21.90 -2.42 -16.03
C ILE A 160 22.54 -3.67 -16.58
N PRO A 161 23.13 -3.60 -17.78
CA PRO A 161 23.82 -4.77 -18.33
C PRO A 161 24.91 -5.26 -17.40
N TRP A 162 25.06 -6.59 -17.42
CA TRP A 162 26.04 -7.27 -16.59
C TRP A 162 27.43 -6.65 -16.73
N ASP A 163 27.85 -6.34 -17.98
CA ASP A 163 29.21 -5.84 -18.19
C ASP A 163 29.33 -4.33 -17.93
N VAL A 164 28.23 -3.63 -17.66
CA VAL A 164 28.30 -2.30 -17.07
C VAL A 164 28.47 -2.39 -15.55
N LEU A 165 27.76 -3.32 -14.90
CA LEU A 165 27.92 -3.48 -13.44
C LEU A 165 29.34 -3.94 -13.08
N THR A 166 29.95 -4.77 -13.91
CA THR A 166 31.28 -5.21 -13.54
C THR A 166 32.39 -4.27 -13.97
N ALA A 167 32.10 -3.25 -14.80
CA ALA A 167 33.15 -2.34 -15.22
C ALA A 167 33.51 -1.44 -14.04
N THR A 168 34.65 -0.76 -14.16
CA THR A 168 35.16 0.05 -13.02
C THR A 168 35.28 1.51 -13.38
N VAL A 169 35.34 2.37 -12.36
CA VAL A 169 35.43 3.85 -12.56
C VAL A 169 36.48 4.40 -11.57
N ASP A 170 37.02 5.57 -11.86
CA ASP A 170 37.99 6.23 -10.94
C ASP A 170 37.28 6.63 -9.64
N ASP A 171 38.02 6.67 -8.53
CA ASP A 171 37.43 6.96 -7.20
C ASP A 171 36.82 8.36 -7.23
N ALA A 172 37.47 9.30 -7.93
CA ALA A 172 36.93 10.68 -8.02
C ALA A 172 35.57 10.64 -8.71
N LEU A 173 35.39 9.81 -9.73
CA LEU A 173 34.05 9.65 -10.37
C LEU A 173 33.05 9.09 -9.35
N ALA A 174 33.46 8.11 -8.55
CA ALA A 174 32.58 7.54 -7.51
C ALA A 174 32.24 8.64 -6.52
N ASP A 175 33.23 9.47 -6.21
CA ASP A 175 33.04 10.63 -5.30
C ASP A 175 32.25 11.72 -6.02
N GLY A 176 31.68 12.64 -5.27
CA GLY A 176 30.85 13.72 -5.87
C GLY A 176 29.41 13.40 -5.61
N VAL A 177 28.56 14.41 -5.59
CA VAL A 177 27.17 14.14 -5.14
C VAL A 177 26.17 14.43 -6.26
N GLU A 178 25.29 13.47 -6.52
CA GLU A 178 24.20 13.71 -7.49
C GLU A 178 22.97 14.11 -6.67
N GLU A 179 22.09 14.90 -7.23
CA GLU A 179 20.90 15.36 -6.50
C GLU A 179 19.94 14.19 -6.27
N LEU A 180 19.73 13.84 -4.99
CA LEU A 180 18.88 12.72 -4.65
C LEU A 180 17.52 13.15 -4.17
N GLY A 181 17.32 14.43 -3.86
CA GLY A 181 16.15 14.85 -3.11
C GLY A 181 16.43 15.62 -1.84
N ALA A 182 17.67 15.66 -1.31
CA ALA A 182 17.94 16.40 -0.07
C ALA A 182 17.65 17.89 -0.23
N HIS A 183 17.96 18.44 -1.41
CA HIS A 183 17.75 19.87 -1.66
C HIS A 183 16.46 20.16 -2.39
N ALA A 184 15.54 19.20 -2.48
CA ALA A 184 14.31 19.41 -3.28
C ALA A 184 13.10 19.80 -2.41
N LEU A 185 12.32 20.77 -2.86
CA LEU A 185 11.12 21.23 -2.12
C LEU A 185 9.88 20.95 -2.98
N THR A 186 8.90 20.23 -2.43
CA THR A 186 7.66 19.92 -3.17
C THR A 186 6.79 21.16 -3.30
N ALA A 187 5.97 21.20 -4.35
CA ALA A 187 5.07 22.36 -4.60
C ALA A 187 4.03 22.49 -3.49
N ALA A 188 3.72 23.72 -3.11
CA ALA A 188 2.72 23.99 -2.05
C ALA A 188 1.41 24.36 -2.73
N LEU A 189 0.52 25.03 -2.04
CA LEU A 189 -0.52 25.99 -2.51
C LEU A 189 -0.11 27.44 -2.25
N GLY A 190 -0.43 28.32 -3.20
CA GLY A 190 -0.18 29.76 -3.01
C GLY A 190 -1.18 30.35 -2.03
N ALA A 191 -0.94 31.59 -1.61
CA ALA A 191 -1.79 32.23 -0.58
C ALA A 191 -3.22 32.47 -1.10
N ASP A 192 -3.35 32.88 -2.37
CA ASP A 192 -4.70 33.09 -2.96
C ASP A 192 -5.46 31.77 -2.98
N ALA A 193 -4.79 30.68 -3.34
CA ALA A 193 -5.45 29.35 -3.37
C ALA A 193 -5.79 28.94 -1.94
N VAL A 194 -4.82 29.08 -1.04
CA VAL A 194 -5.08 28.77 0.36
C VAL A 194 -6.31 29.52 0.87
N GLU A 195 -6.38 30.84 0.59
CA GLU A 195 -7.51 31.63 1.09
C GLU A 195 -8.83 31.19 0.43
N ARG A 196 -8.79 30.90 -0.86
CA ARG A 196 -10.02 30.45 -1.50
C ARG A 196 -10.48 29.09 -0.95
N ILE A 197 -9.56 28.14 -0.79
CA ILE A 197 -9.97 26.82 -0.27
C ILE A 197 -10.54 26.95 1.14
N LEU A 198 -9.87 27.73 2.01
CA LEU A 198 -10.37 27.87 3.37
C LEU A 198 -11.72 28.57 3.37
N ASP A 199 -11.88 29.55 2.48
CA ASP A 199 -13.15 30.26 2.44
C ASP A 199 -14.30 29.39 1.98
N GLY A 200 -14.08 28.53 0.99
CA GLY A 200 -15.13 27.59 0.63
C GLY A 200 -15.47 26.71 1.82
N LEU A 201 -14.44 26.23 2.52
CA LEU A 201 -14.64 25.36 3.68
C LEU A 201 -15.44 26.10 4.75
N ALA A 202 -15.14 27.40 4.96
CA ALA A 202 -15.84 28.18 5.98
C ALA A 202 -17.33 28.37 5.66
N GLY A 203 -17.74 28.45 4.40
CA GLY A 203 -19.13 28.60 3.97
C GLY A 203 -19.97 27.31 3.92
N ALA A 204 -19.36 26.13 4.02
CA ALA A 204 -20.11 24.87 3.88
C ALA A 204 -20.94 24.56 5.14
N GLU A 205 -22.04 23.85 4.94
CA GLU A 205 -22.91 23.36 6.02
C GLU A 205 -22.45 22.00 6.52
N ARG A 206 -22.07 21.12 5.59
CA ARG A 206 -21.72 19.75 5.92
C ARG A 206 -20.45 19.33 5.18
N PRO A 207 -19.28 19.90 5.52
CA PRO A 207 -18.05 19.58 4.79
C PRO A 207 -17.37 18.30 5.29
N VAL A 208 -16.47 17.78 4.46
CA VAL A 208 -15.73 16.57 4.78
C VAL A 208 -14.38 16.62 4.05
N PHE A 209 -13.35 16.08 4.69
CA PHE A 209 -12.03 15.94 4.06
C PHE A 209 -11.89 14.45 3.74
N ILE A 210 -11.23 14.13 2.63
CA ILE A 210 -10.91 12.72 2.36
C ILE A 210 -9.51 12.63 1.81
N ALA A 211 -8.68 11.81 2.44
CA ALA A 211 -7.26 11.72 2.10
C ALA A 211 -7.00 10.42 1.33
N GLY A 212 -5.95 10.48 0.51
CA GLY A 212 -5.54 9.31 -0.29
C GLY A 212 -4.06 9.03 -0.14
N SER A 213 -3.49 8.22 -1.04
CA SER A 213 -2.08 7.77 -0.91
C SER A 213 -1.07 8.93 -0.95
N GLU A 214 -1.28 9.94 -1.80
CA GLU A 214 -0.25 10.99 -1.97
C GLU A 214 -0.02 11.75 -0.64
N LEU A 215 -1.09 12.02 0.12
CA LEU A 215 -0.91 12.72 1.42
C LEU A 215 -0.04 11.85 2.34
N THR A 216 -0.28 10.54 2.34
CA THR A 216 0.50 9.61 3.19
C THR A 216 1.95 9.62 2.75
N ARG A 217 2.19 9.44 1.44
CA ARG A 217 3.57 9.44 0.93
C ARG A 217 4.36 10.69 1.29
N GLY A 218 3.69 11.84 1.36
CA GLY A 218 4.46 13.01 1.74
C GLY A 218 4.48 13.29 3.22
N ASP A 219 4.04 12.34 4.06
CA ASP A 219 3.93 12.54 5.50
C ASP A 219 3.07 13.75 5.85
N GLY A 220 1.97 13.95 5.10
CA GLY A 220 1.07 15.02 5.45
C GLY A 220 0.02 14.68 6.49
N GLY A 221 0.10 13.51 7.14
CA GLY A 221 -0.91 13.15 8.13
C GLY A 221 -1.01 14.15 9.26
N ALA A 222 0.12 14.51 9.85
CA ALA A 222 0.06 15.44 10.97
C ALA A 222 -0.56 16.77 10.55
N ALA A 223 -0.18 17.30 9.36
CA ALA A 223 -0.74 18.59 8.95
C ALA A 223 -2.21 18.45 8.62
N LEU A 224 -2.62 17.36 7.96
CA LEU A 224 -4.04 17.25 7.66
C LEU A 224 -4.88 17.09 8.94
N ARG A 225 -4.39 16.31 9.90
CA ARG A 225 -5.12 16.14 11.17
C ARG A 225 -5.25 17.47 11.91
N ARG A 226 -4.16 18.23 11.96
CA ARG A 226 -4.21 19.57 12.54
C ARG A 226 -5.26 20.47 11.85
N LEU A 227 -5.29 20.47 10.51
CA LEU A 227 -6.26 21.31 9.81
C LEU A 227 -7.68 20.87 10.09
N ALA A 228 -7.91 19.55 10.17
CA ALA A 228 -9.27 19.10 10.47
C ALA A 228 -9.66 19.53 11.88
N GLU A 229 -8.69 19.48 12.79
CA GLU A 229 -8.96 19.79 14.19
C GLU A 229 -9.17 21.28 14.40
N ILE A 230 -8.38 22.13 13.71
CA ILE A 230 -8.62 23.58 13.77
C ILE A 230 -10.00 23.92 13.24
N THR A 231 -10.38 23.33 12.11
CA THR A 231 -11.62 23.75 11.43
C THR A 231 -12.85 22.95 11.85
N GLY A 232 -12.68 21.85 12.62
CA GLY A 232 -13.78 20.96 12.95
C GLY A 232 -14.28 20.14 11.78
N THR A 233 -13.40 19.86 10.82
CA THR A 233 -13.89 19.15 9.61
C THR A 233 -13.72 17.66 9.80
N PRO A 234 -14.78 16.85 9.59
CA PRO A 234 -14.68 15.41 9.73
C PRO A 234 -13.69 14.85 8.72
N LEU A 235 -12.91 13.86 9.14
CA LEU A 235 -11.83 13.34 8.28
C LEU A 235 -12.14 11.90 7.86
N PHE A 236 -12.10 11.63 6.56
CA PHE A 236 -12.27 10.24 6.06
C PHE A 236 -11.02 9.91 5.25
N SER A 237 -10.89 8.66 4.82
CA SER A 237 -9.72 8.33 3.97
C SER A 237 -9.91 7.02 3.23
N ASP A 238 -9.15 6.82 2.15
CA ASP A 238 -9.12 5.49 1.57
C ASP A 238 -8.21 4.62 2.44
N THR A 239 -7.96 3.37 2.06
CA THR A 239 -7.25 2.50 3.01
C THR A 239 -5.81 2.96 3.17
N GLU A 240 -5.22 3.54 2.09
CA GLU A 240 -3.81 3.92 2.18
C GLU A 240 -3.57 5.14 3.06
N ALA A 241 -4.58 5.96 3.32
CA ALA A 241 -4.34 7.09 4.19
C ALA A 241 -4.99 6.91 5.55
N LEU A 242 -5.58 5.75 5.83
CA LEU A 242 -6.17 5.51 7.16
C LEU A 242 -5.17 5.72 8.29
N GLY A 243 -3.97 5.15 8.17
CA GLY A 243 -2.96 5.35 9.21
C GLY A 243 -2.67 6.81 9.46
N ALA A 244 -2.75 7.67 8.39
CA ALA A 244 -2.45 9.08 8.50
C ALA A 244 -3.54 9.88 9.22
N ILE A 245 -4.80 9.44 9.18
CA ILE A 245 -5.86 10.18 9.87
C ILE A 245 -6.32 9.56 11.22
N ARG A 246 -6.02 8.27 11.47
CA ARG A 246 -6.58 7.47 12.57
C ARG A 246 -6.42 8.13 13.95
N GLU A 247 -5.29 8.79 14.19
CA GLU A 247 -5.05 9.38 15.51
C GLU A 247 -6.00 10.53 15.83
N SER A 248 -6.59 11.14 14.86
CA SER A 248 -7.33 12.37 15.13
C SER A 248 -8.68 12.05 15.75
N PRO A 249 -9.12 12.81 16.77
CA PRO A 249 -10.53 12.70 17.20
C PRO A 249 -11.50 13.01 16.11
N LEU A 250 -11.05 13.61 15.00
CA LEU A 250 -11.93 13.91 13.88
C LEU A 250 -11.92 12.79 12.83
N SER A 251 -11.26 11.66 13.08
CA SER A 251 -11.21 10.62 12.05
C SER A 251 -12.48 9.76 12.11
N PHE A 252 -13.12 9.55 10.96
CA PHE A 252 -14.28 8.69 10.83
C PHE A 252 -13.93 7.43 10.02
N GLY A 253 -12.67 7.25 9.67
CA GLY A 253 -12.23 6.03 8.99
C GLY A 253 -12.47 6.02 7.49
N LEU A 254 -12.73 4.82 6.96
CA LEU A 254 -12.77 4.62 5.50
C LEU A 254 -13.98 5.34 4.90
N LEU A 255 -13.77 5.99 3.74
CA LEU A 255 -14.83 6.81 3.16
C LEU A 255 -16.05 6.00 2.73
N GLN A 256 -15.94 4.65 2.67
CA GLN A 256 -17.13 3.85 2.38
C GLN A 256 -18.22 4.08 3.42
N GLY A 257 -17.82 4.51 4.62
CA GLY A 257 -18.76 4.76 5.67
C GLY A 257 -19.65 5.97 5.44
N LEU A 258 -19.43 6.70 4.34
CA LEU A 258 -20.26 7.86 4.02
C LEU A 258 -21.55 7.44 3.37
N PHE A 259 -21.64 6.20 2.92
CA PHE A 259 -22.82 5.72 2.23
C PHE A 259 -24.06 5.84 3.14
N GLY A 260 -25.20 6.27 2.60
CA GLY A 260 -26.44 6.04 3.34
C GLY A 260 -27.03 7.22 4.07
N LEU A 261 -26.44 8.41 3.93
CA LEU A 261 -27.01 9.61 4.53
C LEU A 261 -28.29 9.96 3.78
N ASP A 262 -29.22 10.62 4.47
CA ASP A 262 -30.42 11.05 3.75
C ASP A 262 -30.04 12.14 2.77
N GLU A 263 -30.83 12.29 1.71
CA GLU A 263 -30.51 13.23 0.65
C GLU A 263 -30.30 14.64 1.19
N ALA A 264 -31.00 15.04 2.27
CA ALA A 264 -30.84 16.38 2.80
C ALA A 264 -29.63 16.54 3.70
N GLU A 265 -28.96 15.45 4.05
CA GLU A 265 -27.81 15.47 4.95
C GLU A 265 -26.52 15.13 4.24
N ARG A 266 -26.54 14.95 2.92
CA ARG A 266 -25.33 14.57 2.23
C ARG A 266 -24.31 15.70 2.32
N PRO A 267 -23.03 15.37 2.30
CA PRO A 267 -22.00 16.41 2.33
C PRO A 267 -22.21 17.41 1.21
N ASP A 268 -22.14 18.71 1.52
CA ASP A 268 -22.25 19.73 0.47
C ASP A 268 -20.89 20.21 0.00
N ARG A 269 -19.81 19.83 0.66
CA ARG A 269 -18.48 20.26 0.24
C ARG A 269 -17.51 19.17 0.63
N VAL A 270 -16.59 18.84 -0.29
CA VAL A 270 -15.67 17.72 -0.08
C VAL A 270 -14.31 18.13 -0.59
N VAL A 271 -13.30 18.07 0.27
CA VAL A 271 -11.95 18.47 -0.12
C VAL A 271 -11.12 17.19 -0.13
N LEU A 272 -10.64 16.82 -1.32
CA LEU A 272 -9.83 15.62 -1.53
C LEU A 272 -8.36 15.97 -1.46
N PHE A 273 -7.62 15.24 -0.63
CA PHE A 273 -6.16 15.38 -0.52
C PHE A 273 -5.46 14.15 -1.11
N GLY A 274 -5.15 14.18 -2.39
CA GLY A 274 -4.37 13.08 -2.91
C GLY A 274 -5.18 11.85 -3.17
N LEU A 275 -6.50 11.99 -3.28
CA LEU A 275 -7.43 10.90 -3.60
C LEU A 275 -8.01 11.10 -5.00
N ARG A 276 -7.84 10.09 -5.86
CA ARG A 276 -8.46 10.09 -7.17
C ARG A 276 -9.90 9.58 -7.12
N PHE A 277 -10.71 10.07 -8.04
CA PHE A 277 -11.95 9.39 -8.37
C PHE A 277 -11.61 8.02 -8.97
N GLY A 278 -12.30 6.98 -8.52
CA GLY A 278 -11.97 5.62 -8.92
C GLY A 278 -12.71 4.61 -8.07
N LEU A 279 -12.15 3.39 -8.03
CA LEU A 279 -12.81 2.32 -7.29
C LEU A 279 -13.13 2.72 -5.85
N ALA A 280 -12.22 3.43 -5.16
CA ALA A 280 -12.42 3.74 -3.74
C ALA A 280 -13.52 4.79 -3.50
N THR A 281 -13.81 5.66 -4.48
CA THR A 281 -14.90 6.65 -4.38
C THR A 281 -16.20 6.15 -5.00
N ALA A 282 -16.28 4.85 -5.33
CA ALA A 282 -17.38 4.35 -6.15
C ALA A 282 -17.45 5.12 -7.48
N HIS A 283 -16.30 5.33 -8.10
CA HIS A 283 -16.16 6.02 -9.40
C HIS A 283 -16.82 7.40 -9.31
N GLY A 284 -17.62 7.81 -10.30
CA GLY A 284 -18.35 9.06 -10.26
C GLY A 284 -19.84 8.87 -10.05
N SER A 285 -20.21 7.74 -9.42
CA SER A 285 -21.60 7.45 -9.14
C SER A 285 -22.23 8.44 -8.15
N GLY A 286 -21.44 9.17 -7.37
CA GLY A 286 -22.02 10.06 -6.39
C GLY A 286 -22.57 9.41 -5.12
N ILE A 287 -22.35 8.12 -4.86
CA ILE A 287 -22.97 7.60 -3.64
C ILE A 287 -22.15 7.83 -2.36
N LEU A 288 -20.89 8.25 -2.45
CA LEU A 288 -20.08 8.68 -1.31
C LEU A 288 -19.79 10.16 -1.41
N ILE A 289 -19.28 10.61 -2.55
CA ILE A 289 -19.02 12.02 -2.83
C ILE A 289 -20.14 12.53 -3.74
N PRO A 290 -21.10 13.30 -3.22
CA PRO A 290 -22.23 13.71 -4.08
C PRO A 290 -21.77 14.45 -5.34
N ARG A 291 -22.40 14.09 -6.48
CA ARG A 291 -22.10 14.81 -7.72
C ARG A 291 -22.47 16.29 -7.62
N ASP A 292 -23.46 16.64 -6.80
CA ASP A 292 -23.82 18.04 -6.66
C ASP A 292 -23.14 18.70 -5.48
N ALA A 293 -22.20 18.03 -4.82
CA ALA A 293 -21.40 18.71 -3.83
C ALA A 293 -20.39 19.63 -4.50
N ALA A 294 -19.91 20.60 -3.76
CA ALA A 294 -18.74 21.35 -4.19
C ALA A 294 -17.51 20.54 -3.84
N VAL A 295 -16.81 20.04 -4.85
CA VAL A 295 -15.62 19.21 -4.64
C VAL A 295 -14.37 20.03 -4.91
N VAL A 296 -13.45 20.03 -3.97
CA VAL A 296 -12.15 20.67 -4.10
C VAL A 296 -11.11 19.56 -4.11
N GLN A 297 -10.31 19.49 -5.13
CA GLN A 297 -9.43 18.35 -5.36
C GLN A 297 -7.99 18.81 -5.45
N ILE A 298 -7.16 18.36 -4.52
CA ILE A 298 -5.73 18.63 -4.55
C ILE A 298 -5.01 17.34 -4.94
N ASP A 299 -4.32 17.36 -6.09
CA ASP A 299 -3.61 16.16 -6.56
C ASP A 299 -2.40 16.55 -7.39
N SER A 300 -1.42 15.66 -7.44
CA SER A 300 -0.13 15.90 -8.07
C SER A 300 -0.21 15.79 -9.59
N ASP A 301 -1.27 15.17 -10.14
CA ASP A 301 -1.46 14.97 -11.58
C ASP A 301 -2.74 15.62 -12.06
N ALA A 302 -2.62 16.54 -13.03
CA ALA A 302 -3.78 17.25 -13.57
C ALA A 302 -4.77 16.32 -14.26
N ARG A 303 -4.33 15.16 -14.82
CA ARG A 303 -5.30 14.24 -15.41
C ARG A 303 -6.36 13.77 -14.41
N GLU A 304 -6.05 13.80 -13.12
CA GLU A 304 -7.00 13.33 -12.12
C GLU A 304 -8.08 14.37 -11.79
N LEU A 305 -7.85 15.67 -12.07
CA LEU A 305 -8.81 16.68 -11.60
C LEU A 305 -10.11 16.61 -12.34
N GLY A 306 -11.18 16.42 -11.59
CA GLY A 306 -12.48 16.38 -12.23
C GLY A 306 -12.67 15.16 -13.11
N ARG A 307 -11.88 14.10 -12.90
CA ARG A 307 -11.85 13.02 -13.89
C ARG A 307 -13.24 12.42 -14.10
N LEU A 308 -13.94 12.07 -13.02
CA LEU A 308 -15.23 11.35 -13.18
C LEU A 308 -16.44 12.20 -12.75
N GLN A 309 -16.22 13.24 -11.95
CA GLN A 309 -17.35 14.13 -11.54
C GLN A 309 -16.87 15.59 -11.49
N PRO A 310 -17.78 16.58 -11.58
CA PRO A 310 -17.38 17.98 -11.60
C PRO A 310 -16.74 18.45 -10.31
N ILE A 311 -15.73 19.33 -10.43
CA ILE A 311 -15.06 19.90 -9.24
C ILE A 311 -15.23 21.43 -9.26
N GLU A 312 -15.34 22.05 -8.09
CA GLU A 312 -15.47 23.49 -8.04
C GLU A 312 -14.09 24.13 -8.18
N LEU A 313 -13.07 23.45 -7.67
CA LEU A 313 -11.70 23.92 -7.70
C LEU A 313 -10.80 22.71 -7.74
N GLY A 314 -9.84 22.71 -8.67
CA GLY A 314 -8.75 21.74 -8.66
C GLY A 314 -7.43 22.45 -8.42
N ALA A 315 -6.52 21.81 -7.67
CA ALA A 315 -5.19 22.39 -7.54
C ALA A 315 -4.17 21.32 -7.80
N VAL A 316 -3.26 21.57 -8.70
CA VAL A 316 -2.22 20.61 -9.01
C VAL A 316 -1.08 20.90 -8.06
N GLY A 317 -0.83 20.00 -7.13
CA GLY A 317 0.30 20.22 -6.23
C GLY A 317 0.30 19.10 -5.21
N ASP A 318 1.27 19.17 -4.31
CA ASP A 318 1.52 18.09 -3.39
C ASP A 318 0.50 18.20 -2.23
N PRO A 319 -0.36 17.20 -2.04
CA PRO A 319 -1.37 17.27 -0.98
C PRO A 319 -0.82 17.46 0.43
N ALA A 320 0.30 16.82 0.78
CA ALA A 320 0.88 17.05 2.09
C ALA A 320 1.32 18.51 2.24
N ALA A 321 2.07 19.04 1.27
CA ALA A 321 2.49 20.44 1.39
C ALA A 321 1.30 21.38 1.43
N ALA A 322 0.23 21.07 0.66
CA ALA A 322 -0.98 21.88 0.71
C ALA A 322 -1.62 21.83 2.09
N ALA A 323 -1.72 20.61 2.71
CA ALA A 323 -2.32 20.50 4.05
C ALA A 323 -1.57 21.37 5.06
N GLU A 324 -0.23 21.39 4.98
CA GLU A 324 0.52 22.25 5.89
C GLU A 324 0.21 23.74 5.68
N GLU A 325 0.16 24.20 4.40
CA GLU A 325 -0.11 25.62 4.18
C GLU A 325 -1.51 25.96 4.64
N LEU A 326 -2.46 25.05 4.40
CA LEU A 326 -3.83 25.30 4.82
C LEU A 326 -3.95 25.35 6.35
N ALA A 327 -3.24 24.44 7.04
CA ALA A 327 -3.31 24.38 8.49
C ALA A 327 -2.81 25.67 9.09
N ARG A 328 -1.71 26.20 8.54
CA ARG A 328 -1.13 27.42 9.07
C ARG A 328 -2.06 28.59 8.87
N ALA A 329 -2.66 28.71 7.68
CA ALA A 329 -3.59 29.81 7.47
C ALA A 329 -4.89 29.60 8.23
N ALA A 330 -5.30 28.36 8.47
CA ALA A 330 -6.57 28.19 9.19
C ALA A 330 -6.43 28.57 10.68
N LEU A 331 -5.23 28.37 11.23
CA LEU A 331 -4.96 28.77 12.62
C LEU A 331 -5.17 30.28 12.81
N THR A 332 -4.77 31.09 11.81
CA THR A 332 -4.91 32.53 11.99
C THR A 332 -6.12 33.08 11.26
N TRP A 333 -7.02 32.22 10.82
CA TRP A 333 -8.19 32.66 10.06
C TRP A 333 -9.01 33.68 10.84
N ALA A 334 -9.14 34.89 10.28
CA ALA A 334 -9.61 36.05 11.04
C ALA A 334 -10.97 35.80 11.68
N ALA A 335 -11.90 35.15 10.95
CA ALA A 335 -13.24 34.95 11.51
C ALA A 335 -13.35 33.74 12.45
N GLY A 336 -12.31 32.92 12.58
CA GLY A 336 -12.55 31.67 13.31
C GLY A 336 -13.45 30.75 12.50
N TRP A 337 -13.75 29.60 13.13
CA TRP A 337 -14.37 28.44 12.50
C TRP A 337 -15.70 28.15 13.16
N PRO A 338 -16.75 27.88 12.41
CA PRO A 338 -18.04 27.62 13.04
C PRO A 338 -18.01 26.29 13.81
N ASP A 339 -18.96 26.16 14.74
CA ASP A 339 -19.07 24.90 15.47
C ASP A 339 -19.69 23.85 14.52
N ARG A 340 -19.02 22.72 14.33
CA ARG A 340 -19.55 21.63 13.49
C ARG A 340 -19.89 20.34 14.29
N SER A 341 -20.15 20.50 15.57
CA SER A 341 -20.28 19.29 16.42
C SER A 341 -21.51 18.46 16.06
N ARG A 342 -22.60 19.09 15.63
CA ARG A 342 -23.77 18.31 15.27
C ARG A 342 -23.50 17.47 14.01
N TRP A 343 -22.83 18.05 13.01
CA TRP A 343 -22.51 17.31 11.79
C TRP A 343 -21.56 16.16 12.11
N GLN A 344 -20.51 16.45 12.88
CA GLN A 344 -19.62 15.38 13.35
C GLN A 344 -20.40 14.23 14.03
N GLU A 345 -21.38 14.58 14.88
CA GLU A 345 -22.09 13.54 15.63
C GLU A 345 -22.99 12.72 14.70
N ARG A 346 -23.60 13.36 13.71
CA ARG A 346 -24.40 12.61 12.72
C ARG A 346 -23.54 11.61 11.96
N LEU A 347 -22.32 12.01 11.59
CA LEU A 347 -21.39 11.09 10.97
C LEU A 347 -20.99 9.95 11.94
N ARG A 348 -20.74 10.25 13.23
CA ARG A 348 -20.40 9.18 14.19
C ARG A 348 -21.50 8.12 14.25
N GLU A 349 -22.74 8.58 14.32
CA GLU A 349 -23.90 7.69 14.33
C GLU A 349 -23.94 6.85 13.09
N LEU A 350 -23.68 7.46 11.93
CA LEU A 350 -23.77 6.71 10.67
C LEU A 350 -22.71 5.64 10.63
N VAL A 351 -21.48 5.97 11.06
CA VAL A 351 -20.39 5.00 10.96
C VAL A 351 -20.51 3.94 12.05
N ASP A 352 -20.83 4.35 13.29
CA ASP A 352 -21.02 3.35 14.37
C ASP A 352 -22.26 2.49 14.11
N GLY A 353 -23.36 3.13 13.70
CA GLY A 353 -24.56 2.39 13.33
C GLY A 353 -24.29 1.28 12.35
N ARG A 354 -23.55 1.58 11.26
CA ARG A 354 -23.25 0.55 10.27
C ARG A 354 -22.46 -0.63 10.88
N PHE A 355 -21.45 -0.34 11.71
CA PHE A 355 -20.71 -1.42 12.33
C PHE A 355 -21.60 -2.31 13.21
N GLU A 356 -22.47 -1.67 14.01
CA GLU A 356 -23.33 -2.44 14.92
C GLU A 356 -24.28 -3.31 14.11
N SER A 357 -24.78 -2.78 12.99
CA SER A 357 -25.73 -3.50 12.16
C SER A 357 -25.08 -4.68 11.47
N VAL A 358 -23.92 -4.44 10.84
CA VAL A 358 -23.23 -5.54 10.16
C VAL A 358 -22.96 -6.67 11.17
N THR A 359 -22.52 -6.34 12.39
CA THR A 359 -22.21 -7.37 13.35
C THR A 359 -23.48 -8.10 13.80
N ALA A 360 -24.56 -7.36 14.07
CA ALA A 360 -25.76 -7.99 14.60
C ALA A 360 -26.46 -8.84 13.57
N GLN A 361 -26.41 -8.45 12.29
CA GLN A 361 -27.09 -9.16 11.23
C GLN A 361 -26.34 -10.40 10.76
N ALA A 362 -25.17 -10.68 11.31
CA ALA A 362 -24.45 -11.87 10.88
C ALA A 362 -25.21 -13.15 11.28
N VAL A 363 -25.40 -14.04 10.29
CA VAL A 363 -25.97 -15.36 10.51
C VAL A 363 -24.85 -16.37 10.61
N ARG A 364 -24.66 -16.94 11.79
CA ARG A 364 -23.54 -17.84 12.06
C ARG A 364 -23.95 -19.29 11.85
N ASP A 365 -23.05 -20.10 11.31
CA ASP A 365 -23.34 -21.51 11.13
C ASP A 365 -22.38 -22.33 12.00
N ASP A 366 -21.87 -23.46 11.54
CA ASP A 366 -20.96 -24.21 12.43
C ASP A 366 -19.52 -23.69 12.43
N ARG A 367 -19.15 -22.93 11.43
CA ARG A 367 -17.83 -22.35 11.31
C ARG A 367 -17.80 -20.89 11.81
N ILE A 368 -16.58 -20.36 11.95
CA ILE A 368 -16.40 -18.96 12.35
C ILE A 368 -16.95 -18.02 11.30
N HIS A 369 -17.80 -17.09 11.73
CA HIS A 369 -18.23 -16.04 10.83
C HIS A 369 -17.08 -15.05 10.55
N PRO A 370 -16.83 -14.70 9.27
CA PRO A 370 -15.73 -13.76 8.97
C PRO A 370 -15.85 -12.42 9.68
N MET A 371 -17.04 -11.88 9.86
CA MET A 371 -17.13 -10.63 10.61
C MET A 371 -16.62 -10.80 12.03
N ASP A 372 -16.95 -11.95 12.65
CA ASP A 372 -16.39 -12.22 13.97
C ASP A 372 -14.89 -12.27 13.92
N ALA A 373 -14.33 -12.95 12.91
CA ALA A 373 -12.89 -13.09 12.83
C ALA A 373 -12.22 -11.73 12.65
N VAL A 374 -12.78 -10.86 11.78
CA VAL A 374 -12.08 -9.59 11.51
C VAL A 374 -12.29 -8.57 12.64
N THR A 375 -13.44 -8.63 13.34
CA THR A 375 -13.61 -7.86 14.56
C THR A 375 -12.62 -8.30 15.65
N ALA A 376 -12.53 -9.62 15.90
CA ALA A 376 -11.56 -10.09 16.88
C ALA A 376 -10.15 -9.59 16.56
N ILE A 377 -9.74 -9.63 15.29
CA ILE A 377 -8.39 -9.20 14.92
C ILE A 377 -8.25 -7.68 15.06
N ALA A 378 -9.25 -6.92 14.58
CA ALA A 378 -9.18 -5.46 14.68
C ALA A 378 -9.05 -5.01 16.15
N GLU A 379 -9.75 -5.67 17.07
CA GLU A 379 -9.78 -5.24 18.47
C GLU A 379 -8.64 -5.78 19.30
N THR A 380 -7.77 -6.60 18.70
CA THR A 380 -6.65 -7.20 19.38
C THR A 380 -5.31 -6.59 19.03
N VAL A 381 -5.12 -6.09 17.81
CA VAL A 381 -3.76 -5.69 17.41
C VAL A 381 -3.29 -4.54 18.29
N PRO A 382 -2.01 -4.51 18.67
CA PRO A 382 -1.44 -3.39 19.42
C PRO A 382 -1.51 -2.04 18.71
N ALA A 383 -1.61 -0.95 19.51
CA ALA A 383 -1.51 0.41 18.92
C ALA A 383 -0.20 0.54 18.15
N GLY A 384 -0.25 1.12 16.93
CA GLY A 384 0.94 1.17 16.14
C GLY A 384 1.17 -0.01 15.20
N SER A 385 0.27 -1.00 15.16
CA SER A 385 0.45 -2.17 14.29
C SER A 385 0.33 -1.77 12.81
N VAL A 386 0.98 -2.53 11.93
CA VAL A 386 0.69 -2.46 10.47
C VAL A 386 -0.24 -3.64 10.15
N VAL A 387 -1.42 -3.37 9.61
CA VAL A 387 -2.28 -4.48 9.19
C VAL A 387 -2.23 -4.50 7.65
N VAL A 388 -1.96 -5.68 7.07
CA VAL A 388 -1.98 -5.92 5.63
C VAL A 388 -3.15 -6.83 5.32
N ALA A 389 -3.85 -6.53 4.23
CA ALA A 389 -5.05 -7.28 3.86
C ALA A 389 -4.89 -7.83 2.45
N ASP A 390 -5.39 -9.06 2.24
CA ASP A 390 -5.37 -9.76 0.96
C ASP A 390 -6.60 -10.65 0.91
N GLY A 391 -6.75 -11.40 -0.17
CA GLY A 391 -7.99 -12.10 -0.44
C GLY A 391 -9.06 -11.10 -0.68
N ALA A 392 -10.27 -11.55 -0.94
CA ALA A 392 -11.30 -10.64 -1.44
C ALA A 392 -12.45 -10.50 -0.45
N LEU A 393 -13.25 -11.54 -0.27
CA LEU A 393 -14.22 -11.52 0.84
C LEU A 393 -13.51 -11.09 2.12
N THR A 394 -12.28 -11.55 2.29
CA THR A 394 -11.50 -11.27 3.49
C THR A 394 -11.33 -9.76 3.69
N TYR A 395 -10.87 -9.05 2.67
CA TYR A 395 -10.63 -7.60 2.86
C TYR A 395 -11.93 -6.80 2.86
N LEU A 396 -12.95 -7.23 2.10
CA LEU A 396 -14.26 -6.59 2.22
C LEU A 396 -14.83 -6.70 3.64
N TRP A 397 -14.68 -7.86 4.31
CA TRP A 397 -15.11 -8.00 5.71
C TRP A 397 -14.24 -7.11 6.61
N LEU A 398 -12.93 -7.21 6.48
CA LEU A 398 -12.03 -6.40 7.30
C LEU A 398 -12.32 -4.89 7.16
N SER A 399 -12.79 -4.47 5.98
CA SER A 399 -13.00 -3.05 5.79
C SER A 399 -14.09 -2.53 6.72
N GLU A 400 -14.96 -3.43 7.24
CA GLU A 400 -16.03 -3.03 8.14
C GLU A 400 -15.57 -2.81 9.57
N THR A 401 -14.38 -3.25 9.91
CA THR A 401 -13.87 -3.11 11.26
C THR A 401 -12.54 -2.43 11.34
N ILE A 402 -11.79 -2.30 10.24
CA ILE A 402 -10.44 -1.77 10.36
C ILE A 402 -10.40 -0.33 10.88
N SER A 403 -11.41 0.49 10.58
CA SER A 403 -11.39 1.89 11.02
C SER A 403 -11.30 2.05 12.53
N ARG A 404 -11.64 1.01 13.27
CA ARG A 404 -11.56 1.01 14.71
C ARG A 404 -10.20 0.55 15.23
N ALA A 405 -9.40 -0.17 14.45
CA ALA A 405 -8.12 -0.66 14.96
C ALA A 405 -7.15 0.51 15.14
N PRO A 406 -6.27 0.48 16.17
CA PRO A 406 -5.24 1.55 16.29
C PRO A 406 -3.99 1.35 15.42
N VAL A 407 -4.19 1.26 14.06
CA VAL A 407 -3.07 0.89 13.17
C VAL A 407 -2.19 2.09 12.89
N ALA A 408 -0.89 1.85 12.71
CA ALA A 408 -0.05 2.86 12.11
C ALA A 408 -0.29 2.94 10.60
N ASP A 409 -0.66 1.84 9.95
CA ASP A 409 -0.85 1.75 8.51
C ASP A 409 -1.72 0.53 8.22
N TYR A 410 -2.61 0.68 7.25
CA TYR A 410 -3.44 -0.42 6.74
C TYR A 410 -3.09 -0.56 5.26
N LEU A 411 -2.48 -1.67 4.89
CA LEU A 411 -1.96 -1.88 3.54
C LEU A 411 -2.87 -2.91 2.86
N CYS A 412 -3.76 -2.42 2.05
CA CYS A 412 -4.79 -3.21 1.38
C CYS A 412 -4.57 -3.11 -0.13
N HIS A 413 -5.46 -3.78 -0.87
CA HIS A 413 -5.38 -3.78 -2.34
C HIS A 413 -5.61 -2.40 -2.95
N GLY A 414 -4.85 -2.06 -3.99
CA GLY A 414 -5.20 -0.96 -4.86
C GLY A 414 -6.06 -1.36 -6.05
N TYR A 415 -6.07 -0.48 -7.08
CA TYR A 415 -6.85 -0.79 -8.29
C TYR A 415 -6.45 -2.11 -8.93
N LEU A 416 -5.19 -2.53 -8.80
CA LEU A 416 -4.83 -3.76 -9.51
C LEU A 416 -5.56 -4.96 -8.92
N SER A 417 -5.86 -4.88 -7.62
CA SER A 417 -6.60 -5.90 -6.89
C SER A 417 -6.08 -7.30 -7.18
N SER A 418 -4.77 -7.45 -7.04
CA SER A 418 -4.05 -8.64 -7.44
C SER A 418 -4.01 -9.58 -6.23
N MET A 419 -4.93 -10.55 -6.19
CA MET A 419 -4.90 -11.57 -5.11
C MET A 419 -3.52 -12.14 -5.04
N GLY A 420 -2.92 -12.18 -3.85
CA GLY A 420 -1.62 -12.82 -3.70
C GLY A 420 -0.50 -11.90 -3.28
N VAL A 421 -0.66 -10.58 -3.35
CA VAL A 421 0.42 -9.63 -3.04
C VAL A 421 0.72 -9.55 -1.54
N GLY A 422 -0.19 -10.02 -0.67
CA GLY A 422 -0.09 -9.68 0.76
C GLY A 422 1.13 -10.23 1.47
N VAL A 423 1.55 -11.46 1.15
CA VAL A 423 2.61 -12.04 1.94
C VAL A 423 3.92 -11.28 1.72
N GLY A 424 4.25 -10.97 0.47
CA GLY A 424 5.47 -10.23 0.24
C GLY A 424 5.36 -8.78 0.70
N THR A 425 4.17 -8.17 0.52
CA THR A 425 3.92 -6.85 1.11
C THR A 425 4.20 -6.84 2.62
N ALA A 426 3.63 -7.82 3.37
CA ALA A 426 3.82 -7.86 4.84
C ALA A 426 5.29 -8.06 5.18
N LEU A 427 5.96 -8.92 4.43
CA LEU A 427 7.35 -9.16 4.72
C LEU A 427 8.15 -7.87 4.62
N GLY A 428 7.94 -7.09 3.56
CA GLY A 428 8.67 -5.84 3.42
C GLY A 428 8.27 -4.81 4.46
N ALA A 429 6.97 -4.72 4.78
CA ALA A 429 6.54 -3.82 5.85
C ALA A 429 7.23 -4.16 7.18
N GLN A 430 7.39 -5.47 7.46
CA GLN A 430 8.05 -5.90 8.68
C GLN A 430 9.47 -5.43 8.67
N ALA A 431 10.10 -5.34 7.48
CA ALA A 431 11.53 -5.00 7.47
C ALA A 431 11.77 -3.52 7.72
N ALA A 432 10.77 -2.69 7.52
CA ALA A 432 10.83 -1.28 7.82
C ALA A 432 10.95 -0.99 9.31
N ASP A 433 10.64 -1.97 10.17
CA ASP A 433 10.78 -1.86 11.63
C ASP A 433 10.46 -3.19 12.27
N VAL A 434 11.49 -3.99 12.55
CA VAL A 434 11.26 -5.34 13.03
C VAL A 434 10.58 -5.40 14.40
N THR A 435 10.49 -4.27 15.14
CA THR A 435 9.85 -4.29 16.46
C THR A 435 8.36 -3.99 16.44
N ARG A 436 7.84 -3.54 15.21
CA ARG A 436 6.47 -3.10 15.03
C ARG A 436 5.66 -4.32 14.56
N PRO A 437 4.48 -4.59 15.13
CA PRO A 437 3.72 -5.77 14.70
C PRO A 437 3.23 -5.60 13.27
N VAL A 438 3.29 -6.70 12.52
CA VAL A 438 2.75 -6.74 11.17
C VAL A 438 1.83 -7.96 11.13
N VAL A 439 0.55 -7.73 10.90
CA VAL A 439 -0.45 -8.77 10.84
C VAL A 439 -1.06 -8.77 9.44
N LEU A 440 -0.92 -9.89 8.75
CA LEU A 440 -1.49 -10.06 7.42
C LEU A 440 -2.80 -10.85 7.59
N VAL A 441 -3.90 -10.29 7.16
CA VAL A 441 -5.19 -10.97 7.09
C VAL A 441 -5.44 -11.33 5.63
N THR A 442 -5.42 -12.62 5.31
CA THR A 442 -5.45 -13.00 3.90
C THR A 442 -6.38 -14.21 3.77
N GLY A 443 -6.87 -14.46 2.54
CA GLY A 443 -7.71 -15.61 2.32
C GLY A 443 -6.89 -16.84 1.99
N ASP A 444 -7.56 -18.02 1.90
CA ASP A 444 -6.79 -19.23 1.64
C ASP A 444 -6.33 -19.26 0.18
N GLY A 445 -7.11 -18.66 -0.73
CA GLY A 445 -6.68 -18.53 -2.12
C GLY A 445 -5.41 -17.69 -2.24
N ALA A 446 -5.47 -16.45 -1.73
CA ALA A 446 -4.34 -15.53 -1.93
C ALA A 446 -3.07 -16.07 -1.32
N VAL A 447 -3.18 -16.69 -0.13
CA VAL A 447 -1.95 -17.08 0.56
C VAL A 447 -1.19 -18.14 -0.23
N GLY A 448 -1.88 -18.95 -1.04
CA GLY A 448 -1.16 -20.00 -1.76
C GLY A 448 -0.20 -19.46 -2.83
N TYR A 449 -0.27 -18.16 -3.20
CA TYR A 449 0.74 -17.59 -4.12
C TYR A 449 2.17 -17.67 -3.59
N SER A 450 2.34 -17.54 -2.25
CA SER A 450 3.62 -17.11 -1.64
C SER A 450 3.98 -17.95 -0.42
N LEU A 451 3.56 -19.22 -0.41
CA LEU A 451 3.81 -20.07 0.77
C LEU A 451 5.30 -20.12 1.12
N GLY A 452 6.17 -20.19 0.10
CA GLY A 452 7.61 -20.25 0.29
C GLY A 452 8.18 -19.10 1.11
N GLU A 453 7.52 -17.92 1.14
CA GLU A 453 8.05 -16.79 1.91
C GLU A 453 7.99 -17.03 3.43
N PHE A 454 7.24 -18.04 3.92
CA PHE A 454 7.39 -18.36 5.34
C PHE A 454 8.85 -18.66 5.63
N ASP A 455 9.53 -19.30 4.68
CA ASP A 455 10.94 -19.59 4.92
C ASP A 455 11.76 -18.29 4.93
N SER A 456 11.40 -17.34 4.05
CA SER A 456 12.08 -16.04 3.97
C SER A 456 11.95 -15.28 5.28
N MET A 457 10.73 -15.24 5.85
CA MET A 457 10.54 -14.62 7.16
C MET A 457 11.41 -15.26 8.23
N VAL A 458 11.45 -16.61 8.28
CA VAL A 458 12.22 -17.30 9.32
C VAL A 458 13.71 -16.96 9.19
N ARG A 459 14.26 -17.04 7.97
CA ARG A 459 15.69 -16.83 7.79
C ARG A 459 16.10 -15.35 7.96
N ALA A 460 15.24 -14.40 7.63
CA ALA A 460 15.53 -12.97 7.81
C ALA A 460 15.20 -12.44 9.22
N GLY A 461 14.54 -13.24 10.08
CA GLY A 461 14.07 -12.74 11.35
C GLY A 461 12.98 -11.70 11.24
N LEU A 462 11.94 -11.98 10.46
CA LEU A 462 10.88 -11.03 10.21
C LEU A 462 9.57 -11.64 10.68
N PRO A 463 9.14 -11.32 11.90
CA PRO A 463 8.09 -12.08 12.60
C PRO A 463 6.68 -11.66 12.24
N VAL A 464 6.36 -11.61 10.93
CA VAL A 464 4.99 -11.44 10.46
C VAL A 464 4.05 -12.49 11.07
N VAL A 465 2.82 -12.05 11.41
CA VAL A 465 1.74 -12.96 11.79
C VAL A 465 0.79 -13.01 10.61
N VAL A 466 0.69 -14.18 9.96
CA VAL A 466 -0.18 -14.37 8.81
C VAL A 466 -1.43 -15.06 9.32
N VAL A 467 -2.55 -14.38 9.27
CA VAL A 467 -3.85 -14.93 9.65
C VAL A 467 -4.58 -15.31 8.37
N VAL A 468 -4.81 -16.62 8.15
CA VAL A 468 -5.53 -17.08 6.96
C VAL A 468 -6.99 -17.30 7.29
N LEU A 469 -7.87 -16.56 6.65
CA LEU A 469 -9.30 -16.84 6.77
C LEU A 469 -9.61 -17.90 5.70
N ASN A 470 -9.74 -19.16 6.13
CA ASN A 470 -9.92 -20.29 5.23
C ASN A 470 -11.40 -20.61 5.05
N ASN A 471 -11.98 -20.21 3.92
CA ASN A 471 -13.34 -20.64 3.62
C ASN A 471 -13.34 -21.73 2.56
N ARG A 472 -12.20 -22.39 2.35
CA ARG A 472 -12.10 -23.49 1.37
C ARG A 472 -12.52 -23.09 -0.05
N ALA A 473 -12.12 -21.91 -0.49
CA ALA A 473 -12.58 -21.50 -1.81
C ALA A 473 -11.84 -20.24 -2.24
N TRP A 474 -11.77 -20.05 -3.56
CA TRP A 474 -11.56 -18.72 -4.11
C TRP A 474 -12.89 -18.02 -3.91
N GLY A 475 -13.01 -17.24 -2.84
CA GLY A 475 -14.33 -16.98 -2.30
C GLY A 475 -15.21 -15.97 -3.01
N ALA A 476 -14.67 -14.77 -3.31
CA ALA A 476 -15.52 -13.77 -3.97
C ALA A 476 -15.91 -14.22 -5.37
N THR A 477 -15.01 -14.92 -6.07
CA THR A 477 -15.36 -15.37 -7.40
C THR A 477 -16.44 -16.45 -7.33
N LEU A 478 -16.34 -17.38 -6.34
CA LEU A 478 -17.42 -18.33 -6.12
C LEU A 478 -18.73 -17.60 -5.89
N HIS A 479 -18.70 -16.55 -5.03
CA HIS A 479 -19.91 -15.80 -4.70
C HIS A 479 -20.53 -15.22 -5.98
N ALA A 480 -19.70 -14.62 -6.84
CA ALA A 480 -20.19 -14.03 -8.08
C ALA A 480 -20.99 -15.06 -8.88
N GLN A 481 -20.45 -16.27 -9.03
CA GLN A 481 -21.19 -17.26 -9.81
C GLN A 481 -22.47 -17.67 -9.09
N GLU A 482 -22.38 -17.95 -7.77
CA GLU A 482 -23.51 -18.56 -7.05
C GLU A 482 -24.67 -17.58 -6.86
N LEU A 483 -24.37 -16.31 -6.57
CA LEU A 483 -25.40 -15.30 -6.34
C LEU A 483 -26.01 -14.76 -7.63
N ILE A 484 -25.20 -14.60 -8.70
CA ILE A 484 -25.75 -14.10 -9.97
C ILE A 484 -26.37 -15.22 -10.78
N LEU A 485 -25.74 -16.39 -10.84
CA LEU A 485 -26.16 -17.44 -11.77
C LEU A 485 -26.73 -18.70 -11.13
N GLY A 486 -26.44 -18.98 -9.86
CA GLY A 486 -27.00 -20.13 -9.17
C GLY A 486 -25.96 -21.12 -8.69
N PRO A 487 -26.30 -21.96 -7.69
CA PRO A 487 -25.30 -22.93 -7.17
C PRO A 487 -24.75 -23.90 -8.20
N ASP A 488 -25.56 -24.29 -9.19
CA ASP A 488 -25.09 -25.21 -10.23
C ASP A 488 -24.05 -24.56 -11.17
N ARG A 489 -23.80 -23.25 -11.04
CA ARG A 489 -22.95 -22.51 -11.97
C ARG A 489 -21.60 -22.20 -11.34
N VAL A 490 -21.33 -22.75 -10.16
CA VAL A 490 -20.05 -22.56 -9.51
C VAL A 490 -19.08 -23.51 -10.18
N VAL A 491 -17.91 -23.01 -10.59
CA VAL A 491 -16.94 -23.89 -11.26
C VAL A 491 -15.56 -23.29 -11.11
N ASN A 492 -14.55 -24.16 -10.96
CA ASN A 492 -13.16 -23.74 -10.79
C ASN A 492 -12.96 -22.76 -9.64
N ASN A 493 -13.66 -22.95 -8.52
CA ASN A 493 -13.52 -22.04 -7.37
C ASN A 493 -13.43 -22.72 -6.03
N ARG A 494 -13.80 -24.00 -5.87
CA ARG A 494 -13.65 -24.70 -4.59
C ARG A 494 -12.19 -25.05 -4.30
N LEU A 495 -11.75 -24.83 -3.05
CA LEU A 495 -10.39 -25.16 -2.63
C LEU A 495 -10.44 -26.03 -1.37
N GLU A 496 -10.97 -27.25 -1.50
CA GLU A 496 -11.23 -28.09 -0.33
C GLU A 496 -10.09 -29.08 -0.10
N ASN A 497 -8.91 -28.54 0.16
CA ASN A 497 -7.72 -29.36 0.34
C ASN A 497 -6.63 -28.51 0.97
N GLY A 498 -5.81 -29.14 1.77
CA GLY A 498 -4.60 -28.43 2.18
C GLY A 498 -4.71 -27.85 3.59
N SER A 499 -3.58 -27.84 4.30
CA SER A 499 -3.44 -27.20 5.61
C SER A 499 -2.34 -26.15 5.51
N TYR A 500 -2.73 -24.88 5.55
CA TYR A 500 -1.77 -23.79 5.47
C TYR A 500 -0.95 -23.71 6.75
N SER A 501 -1.53 -24.02 7.91
CA SER A 501 -0.69 -24.07 9.11
C SER A 501 0.39 -25.17 8.97
N GLY A 502 0.00 -26.34 8.43
CA GLY A 502 1.00 -27.37 8.20
C GLY A 502 2.15 -26.89 7.33
N VAL A 503 1.81 -26.16 6.23
CA VAL A 503 2.86 -25.65 5.33
C VAL A 503 3.79 -24.73 6.07
N ALA A 504 3.22 -23.75 6.79
CA ALA A 504 4.03 -22.82 7.57
C ALA A 504 4.91 -23.55 8.58
N ARG A 505 4.35 -24.55 9.28
CA ARG A 505 5.17 -25.38 10.20
C ARG A 505 6.36 -26.02 9.49
N ALA A 506 6.12 -26.63 8.33
CA ALA A 506 7.26 -27.29 7.67
C ALA A 506 8.35 -26.31 7.27
N LEU A 507 8.01 -25.03 7.11
CA LEU A 507 8.97 -24.01 6.70
C LEU A 507 9.58 -23.28 7.89
N GLY A 508 9.40 -23.81 9.12
CA GLY A 508 10.02 -23.25 10.30
C GLY A 508 9.21 -22.19 11.02
N ALA A 509 7.99 -21.89 10.58
CA ALA A 509 7.24 -20.87 11.29
C ALA A 509 6.40 -21.53 12.36
N ASP A 510 5.98 -20.75 13.38
CA ASP A 510 4.97 -21.27 14.31
C ASP A 510 3.62 -21.30 13.62
N SER A 511 2.74 -22.21 14.03
CA SER A 511 1.48 -22.38 13.32
C SER A 511 0.43 -22.97 14.26
N ILE A 512 -0.83 -22.63 14.04
CA ILE A 512 -1.97 -23.03 14.89
C ILE A 512 -3.21 -22.99 14.01
N ASP A 513 -4.11 -23.95 14.22
CA ASP A 513 -5.45 -23.89 13.60
C ASP A 513 -6.43 -23.38 14.64
N VAL A 514 -7.40 -22.58 14.21
CA VAL A 514 -8.45 -22.04 15.06
C VAL A 514 -9.79 -22.38 14.40
N SER A 515 -10.62 -23.19 15.10
CA SER A 515 -11.99 -23.51 14.69
C SER A 515 -13.08 -22.89 15.55
N ASP A 516 -12.75 -22.44 16.75
CA ASP A 516 -13.72 -21.79 17.61
C ASP A 516 -13.33 -20.32 17.76
N ILE A 517 -14.29 -19.42 17.55
CA ILE A 517 -13.99 -17.98 17.56
C ILE A 517 -13.30 -17.57 18.87
N ALA A 518 -13.64 -18.21 20.00
CA ALA A 518 -13.04 -17.80 21.27
C ALA A 518 -11.54 -18.09 21.34
N ASP A 519 -11.01 -18.95 20.46
CA ASP A 519 -9.56 -19.12 20.48
C ASP A 519 -8.83 -18.06 19.66
N LEU A 520 -9.53 -17.24 18.86
CA LEU A 520 -8.81 -16.44 17.84
C LEU A 520 -8.00 -15.31 18.45
N ALA A 521 -8.64 -14.41 19.20
CA ALA A 521 -7.89 -13.30 19.79
C ALA A 521 -6.78 -13.80 20.72
N PRO A 522 -7.02 -14.78 21.63
CA PRO A 522 -5.92 -15.25 22.48
C PRO A 522 -4.75 -15.82 21.68
N THR A 523 -5.05 -16.56 20.60
CA THR A 523 -3.99 -17.11 19.75
C THR A 523 -3.23 -15.99 19.04
N LEU A 524 -3.96 -14.97 18.57
CA LEU A 524 -3.27 -13.83 17.94
C LEU A 524 -2.34 -13.13 18.94
N ARG A 525 -2.79 -12.95 20.19
CA ARG A 525 -1.96 -12.32 21.21
C ARG A 525 -0.69 -13.13 21.47
N GLU A 526 -0.83 -14.46 21.65
CA GLU A 526 0.37 -15.27 21.88
C GLU A 526 1.28 -15.22 20.66
N ALA A 527 0.68 -15.17 19.46
CA ALA A 527 1.51 -15.03 18.26
C ALA A 527 2.31 -13.72 18.30
N LEU A 528 1.67 -12.60 18.65
CA LEU A 528 2.40 -11.32 18.67
C LEU A 528 3.46 -11.29 19.78
N ALA A 529 3.15 -11.92 20.94
CA ALA A 529 4.09 -11.93 22.06
C ALA A 529 5.35 -12.78 21.78
N SER A 530 5.26 -13.75 20.88
CA SER A 530 6.30 -14.76 20.65
C SER A 530 7.49 -14.26 19.84
N GLY A 531 7.32 -13.19 19.06
CA GLY A 531 8.45 -12.67 18.28
C GLY A 531 8.89 -13.56 17.14
N ARG A 532 8.00 -14.38 16.60
CA ARG A 532 8.41 -15.38 15.63
C ARG A 532 7.44 -15.30 14.47
N PRO A 533 7.86 -15.59 13.24
CA PRO A 533 6.88 -15.69 12.15
C PRO A 533 5.84 -16.76 12.48
N THR A 534 4.57 -16.48 12.19
CA THR A 534 3.46 -17.32 12.61
C THR A 534 2.39 -17.40 11.53
N CYS A 535 1.78 -18.59 11.39
CA CYS A 535 0.59 -18.74 10.55
C CYS A 535 -0.56 -19.17 11.45
N ILE A 536 -1.65 -18.40 11.45
CA ILE A 536 -2.85 -18.78 12.18
C ILE A 536 -3.92 -19.08 11.14
N GLU A 537 -4.30 -20.34 11.02
CA GLU A 537 -5.31 -20.74 10.03
C GLU A 537 -6.68 -20.80 10.68
N VAL A 538 -7.61 -19.95 10.22
CA VAL A 538 -8.94 -19.80 10.80
C VAL A 538 -9.98 -20.42 9.87
N HIS A 539 -10.78 -21.33 10.39
CA HIS A 539 -11.78 -22.05 9.59
C HIS A 539 -13.09 -21.29 9.62
N VAL A 540 -13.29 -20.46 8.57
CA VAL A 540 -14.39 -19.51 8.57
C VAL A 540 -15.45 -20.02 7.60
N SER A 541 -16.64 -19.50 7.77
CA SER A 541 -17.76 -19.86 6.92
C SER A 541 -17.68 -19.13 5.55
N LEU A 542 -18.12 -19.81 4.49
CA LEU A 542 -18.12 -19.22 3.14
C LEU A 542 -19.38 -18.41 2.81
N ALA A 543 -20.52 -18.79 3.38
CA ALA A 543 -21.81 -18.25 2.97
C ALA A 543 -22.00 -16.74 3.18
N PRO A 544 -21.50 -16.10 4.23
CA PRO A 544 -21.88 -14.69 4.48
C PRO A 544 -21.36 -13.74 3.40
N VAL A 545 -22.19 -12.76 3.08
CA VAL A 545 -21.91 -11.80 2.02
C VAL A 545 -21.55 -10.46 2.65
N PRO A 546 -20.33 -9.97 2.51
CA PRO A 546 -19.98 -8.65 3.12
C PRO A 546 -20.79 -7.54 2.51
N PRO A 547 -21.08 -6.49 3.28
CA PRO A 547 -21.84 -5.34 2.74
C PRO A 547 -21.23 -4.69 1.50
N GLU A 548 -19.89 -4.57 1.44
CA GLU A 548 -19.28 -3.93 0.30
C GLU A 548 -19.40 -4.80 -0.93
N GLU A 549 -19.62 -6.11 -0.75
CA GLU A 549 -19.94 -6.93 -1.92
C GLU A 549 -21.32 -6.59 -2.46
N ASN A 550 -22.31 -6.43 -1.56
CA ASN A 550 -23.66 -5.99 -1.95
C ASN A 550 -23.65 -4.65 -2.69
N VAL A 551 -23.04 -3.60 -2.11
CA VAL A 551 -23.12 -2.29 -2.78
C VAL A 551 -22.45 -2.31 -4.16
N ILE A 552 -21.54 -3.27 -4.39
CA ILE A 552 -21.03 -3.50 -5.74
C ILE A 552 -22.05 -4.30 -6.57
N MET A 553 -22.83 -5.18 -5.94
CA MET A 553 -23.85 -5.95 -6.67
C MET A 553 -25.05 -5.09 -7.00
#